data_7W6A
#
_entry.id   7W6A
#
_cell.length_a   75.639
_cell.length_b   44.828
_cell.length_c   119.141
_cell.angle_alpha   90.000
_cell.angle_beta   107.420
_cell.angle_gamma   90.000
#
_symmetry.space_group_name_H-M   'C 1 2 1'
#
loop_
_entity.id
_entity.type
_entity.pdbx_description
1 polymer 'Set1/Ash2 histone methyltransferase complex subunit ASH2'
2 polymer 'Histone-lysine N-methyltransferase 2A'
3 polymer 'Retinoblastoma-binding protein 5'
4 non-polymer S-ADENOSYL-L-HOMOCYSTEINE
5 non-polymer 'ZINC ION'
6 water water
#
loop_
_entity_poly.entity_id
_entity_poly.type
_entity_poly.pdbx_seq_one_letter_code
_entity_poly.pdbx_strand_id
1 'polypeptide(L)'
;SRVLLALHDRAPQLKISDDRLTVVGEKGYSMVRASHGVRKGAWYFEITVDEMPPDTAARLGWSQPLGNLQAPLGYDKFSY
SWRSKKGTKFHQSIGKHYSSGYGQGDVLGFYINLPEDTISGRGSSEIIFYKNGVNQGVAYKDIFEGVYFPAISLYKSCTV
SINFGPCFKYPPKDLTYRPMSDMG
;
A
2 'polypeptide(L)'
;SDLPMPMRFRHLKKTSKEAVGVYRSPIHGRGLFCKRNIDAGEMVIEYAGIVIRSILTDKREKYYDSKGIGSSYMFRIDDS
EVVDATMHGNAARFINHSCEPNCYSRVINIDGQKHIVIFAMRKIYRGEELTYDYKFPIEDASNKLPCNCGAKKCRKFLN
;
C
3 'polypeptide(L)' SAFAPDFKELDENVEYEERESEFDIED F
#
# COMPACT_ATOMS: atom_id res chain seq x y z
N ARG A 2 18.12 -2.93 -4.87
CA ARG A 2 18.20 -4.14 -4.08
C ARG A 2 17.47 -4.06 -2.78
N VAL A 3 17.09 -5.21 -2.28
CA VAL A 3 16.29 -5.32 -1.11
C VAL A 3 17.01 -5.00 0.21
N LEU A 4 16.51 -4.03 0.91
CA LEU A 4 16.99 -3.62 2.20
C LEU A 4 15.88 -3.45 3.21
N LEU A 5 16.21 -3.22 4.45
CA LEU A 5 15.26 -2.75 5.42
C LEU A 5 14.78 -1.36 5.03
N ALA A 6 13.50 -1.09 5.19
CA ALA A 6 12.87 0.05 4.54
C ALA A 6 13.39 1.37 5.10
N LEU A 7 13.39 2.37 4.28
CA LEU A 7 13.90 3.65 4.63
C LEU A 7 12.95 4.47 5.46
N HIS A 8 11.68 4.45 5.14
CA HIS A 8 10.70 5.13 5.93
C HIS A 8 9.71 4.25 6.65
N ASP A 9 9.61 3.00 6.27
CA ASP A 9 8.60 2.11 6.75
C ASP A 9 9.09 1.35 7.97
N ARG A 10 9.20 2.07 9.06
CA ARG A 10 9.90 1.63 10.24
C ARG A 10 9.54 2.47 11.42
N ALA A 11 9.48 1.89 12.58
CA ALA A 11 9.52 2.60 13.79
C ALA A 11 10.81 3.38 13.91
N PRO A 12 10.69 4.59 14.37
CA PRO A 12 11.75 5.58 14.36
C PRO A 12 12.78 5.30 15.44
N GLN A 13 12.33 4.69 16.50
CA GLN A 13 13.17 4.34 17.61
C GLN A 13 14.10 3.20 17.35
N LEU A 14 13.87 2.41 16.32
CA LEU A 14 14.79 1.33 15.99
C LEU A 14 16.08 1.93 15.42
N LYS A 15 17.22 1.38 15.85
CA LYS A 15 18.53 1.84 15.38
C LYS A 15 18.99 0.93 14.24
N ILE A 16 18.92 1.43 13.01
CA ILE A 16 19.22 0.66 11.82
C ILE A 16 20.57 1.10 11.29
N SER A 17 21.39 0.12 10.90
CA SER A 17 22.74 0.39 10.40
C SER A 17 22.70 1.06 9.04
N ASP A 18 23.83 1.69 8.67
CA ASP A 18 23.88 2.44 7.41
C ASP A 18 23.68 1.54 6.21
N ASP A 19 24.17 0.30 6.27
CA ASP A 19 23.91 -0.66 5.21
C ASP A 19 22.47 -1.15 5.22
N ARG A 20 21.71 -0.87 6.28
CA ARG A 20 20.27 -1.16 6.35
C ARG A 20 19.98 -2.65 6.34
N LEU A 21 20.94 -3.45 6.80
CA LEU A 21 20.71 -4.87 7.02
C LEU A 21 20.75 -5.26 8.49
N THR A 22 21.22 -4.38 9.38
CA THR A 22 21.29 -4.67 10.80
C THR A 22 20.41 -3.68 11.56
N VAL A 23 19.75 -4.16 12.60
CA VAL A 23 18.82 -3.34 13.38
C VAL A 23 18.94 -3.70 14.85
N VAL A 24 18.95 -2.68 15.70
CA VAL A 24 18.97 -2.81 17.17
C VAL A 24 17.66 -2.28 17.76
N GLY A 25 17.11 -3.00 18.72
CA GLY A 25 15.86 -2.69 19.42
C GLY A 25 15.99 -1.58 20.44
N GLU A 26 14.88 -0.92 20.69
CA GLU A 26 14.81 0.18 21.67
C GLU A 26 13.52 0.07 22.48
N LYS A 27 13.64 -0.26 23.75
CA LYS A 27 12.51 -0.36 24.71
C LYS A 27 11.40 -1.29 24.20
N GLY A 28 10.16 -0.83 24.24
CA GLY A 28 8.99 -1.64 23.86
C GLY A 28 9.00 -2.08 22.40
N TYR A 29 8.40 -3.21 22.13
CA TYR A 29 8.33 -3.82 20.82
C TYR A 29 8.02 -2.86 19.68
N SER A 30 8.86 -2.88 18.68
CA SER A 30 8.66 -2.08 17.51
C SER A 30 9.23 -2.75 16.28
N MET A 31 8.79 -2.32 15.13
CA MET A 31 8.88 -3.05 13.91
C MET A 31 9.48 -2.27 12.75
N VAL A 32 10.24 -2.94 11.92
CA VAL A 32 10.61 -2.52 10.60
C VAL A 32 10.24 -3.53 9.48
N ARG A 33 9.71 -3.07 8.37
CA ARG A 33 9.55 -3.94 7.20
C ARG A 33 10.68 -3.79 6.22
N ALA A 34 10.93 -4.80 5.40
CA ALA A 34 11.85 -4.64 4.28
C ALA A 34 11.26 -3.71 3.24
N SER A 35 12.10 -3.32 2.27
CA SER A 35 11.69 -2.41 1.21
C SER A 35 10.78 -3.05 0.17
N HIS A 36 10.79 -4.38 0.03
CA HIS A 36 10.02 -5.06 -1.00
C HIS A 36 9.15 -6.14 -0.38
N GLY A 37 7.99 -6.39 -1.02
CA GLY A 37 7.07 -7.40 -0.56
C GLY A 37 6.62 -8.29 -1.71
N VAL A 38 5.98 -9.41 -1.35
CA VAL A 38 5.62 -10.42 -2.35
C VAL A 38 4.13 -10.72 -2.26
N ARG A 39 3.52 -11.01 -3.42
CA ARG A 39 2.10 -11.29 -3.54
C ARG A 39 1.79 -12.71 -3.98
N LYS A 40 2.71 -13.38 -4.66
CA LYS A 40 2.46 -14.71 -5.18
C LYS A 40 3.79 -15.42 -5.30
N GLY A 41 3.73 -16.76 -5.31
CA GLY A 41 4.95 -17.55 -5.36
C GLY A 41 5.51 -17.87 -3.98
N ALA A 42 6.64 -18.57 -3.98
CA ALA A 42 7.34 -18.97 -2.77
C ALA A 42 8.63 -18.17 -2.62
N TRP A 43 8.88 -17.66 -1.41
CA TRP A 43 9.99 -16.73 -1.17
C TRP A 43 10.65 -17.03 0.16
N TYR A 44 11.94 -16.69 0.28
CA TYR A 44 12.73 -17.01 1.45
C TYR A 44 13.63 -15.85 1.83
N PHE A 45 13.87 -15.71 3.14
CA PHE A 45 14.95 -14.85 3.64
C PHE A 45 15.43 -15.39 4.97
N GLU A 46 16.55 -14.85 5.46
CA GLU A 46 17.17 -15.30 6.69
C GLU A 46 17.40 -14.14 7.65
N ILE A 47 17.35 -14.44 8.94
CA ILE A 47 17.67 -13.49 9.99
C ILE A 47 18.65 -14.16 10.94
N THR A 48 19.73 -13.47 11.28
CA THR A 48 20.69 -13.95 12.26
C THR A 48 20.55 -13.13 13.54
N VAL A 49 20.47 -13.82 14.68
CA VAL A 49 20.47 -13.11 15.96
C VAL A 49 21.92 -12.82 16.30
N ASP A 50 22.35 -11.57 16.11
CA ASP A 50 23.73 -11.20 16.42
C ASP A 50 23.95 -11.16 17.92
N GLU A 51 23.02 -10.54 18.65
CA GLU A 51 23.21 -10.36 20.07
C GLU A 51 21.84 -10.27 20.75
N MET A 52 21.70 -10.98 21.87
CA MET A 52 20.45 -11.05 22.63
C MET A 52 20.77 -10.98 24.10
N PRO A 53 21.02 -9.80 24.62
CA PRO A 53 21.36 -9.64 26.04
C PRO A 53 20.20 -10.08 26.93
N PRO A 54 20.41 -10.19 28.25
CA PRO A 54 19.31 -10.59 29.12
C PRO A 54 18.11 -9.67 28.98
N ASP A 55 16.91 -10.26 29.09
CA ASP A 55 15.63 -9.56 28.99
C ASP A 55 15.48 -8.79 27.67
N THR A 56 15.93 -9.38 26.58
CA THR A 56 15.59 -8.89 25.24
C THR A 56 14.94 -10.02 24.45
N ALA A 57 14.19 -9.64 23.41
CA ALA A 57 13.45 -10.64 22.64
C ALA A 57 13.18 -10.09 21.24
N ALA A 58 12.81 -11.00 20.35
CA ALA A 58 12.50 -10.71 18.95
C ALA A 58 11.25 -11.48 18.52
N ARG A 59 10.47 -10.85 17.66
CA ARG A 59 9.36 -11.53 16.98
C ARG A 59 9.52 -11.23 15.50
N LEU A 60 9.77 -12.28 14.72
CA LEU A 60 10.21 -12.18 13.35
C LEU A 60 9.25 -12.90 12.43
N GLY A 61 9.17 -12.45 11.18
CA GLY A 61 8.24 -13.04 10.24
C GLY A 61 7.82 -12.13 9.11
N TRP A 62 6.53 -12.13 8.77
CA TRP A 62 6.00 -11.45 7.59
C TRP A 62 4.89 -10.49 7.99
N SER A 63 4.82 -9.35 7.28
CA SER A 63 3.82 -8.33 7.57
C SER A 63 3.28 -7.72 6.29
N GLN A 64 1.97 -7.43 6.29
CA GLN A 64 1.33 -6.60 5.28
C GLN A 64 1.60 -5.14 5.59
N PRO A 65 1.40 -4.25 4.60
CA PRO A 65 1.74 -2.83 4.84
C PRO A 65 1.03 -2.19 6.04
N LEU A 66 -0.14 -2.67 6.43
CA LEU A 66 -0.86 -2.04 7.54
C LEU A 66 -0.46 -2.58 8.92
N GLY A 67 0.40 -3.59 9.00
CA GLY A 67 0.85 -4.06 10.31
C GLY A 67 1.39 -2.93 11.18
N ASN A 68 0.98 -2.87 12.45
CA ASN A 68 1.28 -1.74 13.31
C ASN A 68 2.77 -1.69 13.67
N LEU A 69 3.42 -0.57 13.33
CA LEU A 69 4.85 -0.41 13.56
C LEU A 69 5.20 -0.21 15.03
N GLN A 70 4.24 0.11 15.88
CA GLN A 70 4.50 0.36 17.29
C GLN A 70 4.01 -0.80 18.17
N ALA A 71 3.94 -1.99 17.62
CA ALA A 71 3.55 -3.20 18.33
C ALA A 71 4.44 -4.35 17.88
N PRO A 72 4.50 -5.44 18.65
CA PRO A 72 5.22 -6.62 18.17
C PRO A 72 4.61 -7.14 16.88
N LEU A 73 5.47 -7.74 16.05
CA LEU A 73 4.96 -8.48 14.90
C LEU A 73 4.04 -9.59 15.40
N GLY A 74 2.96 -9.83 14.67
CA GLY A 74 1.91 -10.72 15.12
C GLY A 74 0.85 -10.06 16.00
N TYR A 75 0.99 -8.76 16.28
CA TYR A 75 0.03 -8.06 17.13
C TYR A 75 -1.36 -8.06 16.51
N ASP A 76 -1.45 -7.81 15.21
CA ASP A 76 -2.74 -7.59 14.56
C ASP A 76 -2.96 -8.64 13.46
N LYS A 77 -4.01 -8.44 12.67
CA LYS A 77 -4.31 -9.38 11.60
C LYS A 77 -3.37 -9.25 10.42
N PHE A 78 -2.50 -8.25 10.37
CA PHE A 78 -1.67 -8.02 9.21
C PHE A 78 -0.33 -8.76 9.23
N SER A 79 0.02 -9.47 10.30
CA SER A 79 1.33 -10.08 10.36
C SER A 79 1.32 -11.39 11.15
N TYR A 80 2.34 -12.23 10.88
CA TYR A 80 2.56 -13.52 11.52
C TYR A 80 4.02 -13.57 11.96
N SER A 81 4.24 -13.95 13.22
CA SER A 81 5.55 -13.82 13.84
C SER A 81 5.94 -15.06 14.61
N TRP A 82 7.24 -15.15 14.90
CA TRP A 82 7.85 -16.26 15.64
C TRP A 82 8.71 -15.65 16.74
N ARG A 83 8.40 -15.95 18.00
CA ARG A 83 9.06 -15.27 19.12
C ARG A 83 10.29 -16.04 19.59
N SER A 84 11.40 -15.31 19.79
CA SER A 84 12.63 -15.92 20.28
C SER A 84 12.38 -16.67 21.59
N LYS A 85 11.66 -16.06 22.51
CA LYS A 85 11.33 -16.70 23.79
C LYS A 85 10.30 -17.80 23.57
N LYS A 86 10.67 -19.05 23.87
CA LYS A 86 9.82 -20.23 23.83
C LYS A 86 9.35 -20.60 22.44
N GLY A 87 9.76 -19.91 21.39
CA GLY A 87 9.38 -20.32 20.05
C GLY A 87 7.89 -20.23 19.77
N THR A 88 7.17 -19.38 20.50
CA THR A 88 5.74 -19.18 20.31
C THR A 88 5.48 -18.48 18.98
N LYS A 89 4.41 -18.89 18.29
CA LYS A 89 3.97 -18.21 17.07
C LYS A 89 2.83 -17.26 17.42
N PHE A 90 2.84 -16.06 16.81
CA PHE A 90 1.89 -15.02 17.17
C PHE A 90 1.14 -14.50 15.95
N HIS A 91 -0.17 -14.34 16.11
CA HIS A 91 -1.01 -13.72 15.09
C HIS A 91 -2.24 -13.15 15.79
N GLN A 92 -2.63 -11.93 15.42
CA GLN A 92 -3.69 -11.21 16.11
C GLN A 92 -3.49 -11.26 17.62
N SER A 93 -2.23 -11.20 18.05
CA SER A 93 -1.83 -11.20 19.46
C SER A 93 -2.18 -12.50 20.19
N ILE A 94 -2.57 -13.56 19.51
CA ILE A 94 -2.71 -14.86 20.13
C ILE A 94 -1.41 -15.64 19.93
N GLY A 95 -0.78 -16.05 21.02
CA GLY A 95 0.44 -16.85 20.97
C GLY A 95 0.14 -18.29 21.21
N LYS A 96 0.54 -19.16 20.28
CA LYS A 96 0.26 -20.58 20.32
C LYS A 96 1.57 -21.37 20.37
N HIS A 97 1.49 -22.59 20.91
CA HIS A 97 2.64 -23.50 20.90
C HIS A 97 3.10 -23.72 19.47
N TYR A 98 4.40 -23.52 19.23
CA TYR A 98 4.94 -23.86 17.92
C TYR A 98 6.24 -24.69 17.97
N SER A 99 7.31 -24.12 18.50
CA SER A 99 8.62 -24.77 18.49
C SER A 99 9.35 -24.42 19.79
N SER A 100 10.62 -24.77 19.89
CA SER A 100 11.41 -24.28 21.02
C SER A 100 12.02 -22.93 20.64
N GLY A 101 12.58 -22.26 21.63
CA GLY A 101 13.06 -20.91 21.43
C GLY A 101 14.28 -20.82 20.53
N TYR A 102 14.61 -19.60 20.14
CA TYR A 102 15.86 -19.33 19.45
C TYR A 102 16.52 -18.13 20.11
N GLY A 103 17.83 -18.02 19.92
CA GLY A 103 18.60 -17.03 20.62
C GLY A 103 19.88 -16.66 19.90
N GLN A 104 20.82 -16.14 20.68
CA GLN A 104 22.02 -15.51 20.13
C GLN A 104 22.82 -16.52 19.31
N GLY A 105 23.19 -16.12 18.09
CA GLY A 105 23.89 -16.99 17.16
C GLY A 105 23.00 -17.81 16.24
N ASP A 106 21.72 -17.99 16.56
CA ASP A 106 20.87 -18.78 15.66
C ASP A 106 20.61 -18.04 14.35
N VAL A 107 20.47 -18.80 13.27
CA VAL A 107 20.12 -18.27 11.97
C VAL A 107 18.71 -18.76 11.63
N LEU A 108 17.75 -17.86 11.54
CA LEU A 108 16.36 -18.23 11.40
C LEU A 108 15.97 -18.06 9.94
N GLY A 109 15.23 -19.04 9.41
CA GLY A 109 14.80 -19.01 8.01
C GLY A 109 13.30 -18.72 7.93
N PHE A 110 12.91 -17.97 6.90
CA PHE A 110 11.52 -17.51 6.78
C PHE A 110 11.01 -17.82 5.39
N TYR A 111 10.03 -18.71 5.31
CA TYR A 111 9.45 -19.16 4.07
C TYR A 111 7.98 -18.77 4.02
N ILE A 112 7.53 -18.32 2.86
CA ILE A 112 6.11 -18.07 2.62
C ILE A 112 5.80 -18.58 1.21
N ASN A 113 4.65 -19.15 1.05
CA ASN A 113 4.17 -19.51 -0.24
C ASN A 113 2.81 -18.96 -0.47
N LEU A 114 2.66 -18.19 -1.51
CA LEU A 114 1.39 -17.67 -1.86
C LEU A 114 0.98 -18.11 -3.24
N PRO A 115 0.20 -19.16 -3.32
CA PRO A 115 -0.05 -19.79 -4.62
C PRO A 115 -1.05 -19.02 -5.46
N GLU A 116 -0.77 -18.90 -6.75
CA GLU A 116 -1.48 -18.00 -7.64
C GLU A 116 -2.89 -18.42 -7.93
N SER A 124 -4.05 -22.86 0.73
CA SER A 124 -2.83 -23.43 0.23
C SER A 124 -1.65 -22.49 0.37
N SER A 125 -1.89 -21.28 0.76
CA SER A 125 -0.90 -20.45 1.42
C SER A 125 -0.34 -21.04 2.72
N GLU A 126 0.96 -20.89 2.89
CA GLU A 126 1.70 -21.31 4.08
C GLU A 126 2.79 -20.35 4.53
N ILE A 127 3.07 -20.42 5.79
CA ILE A 127 4.22 -19.78 6.40
C ILE A 127 4.95 -20.83 7.22
N ILE A 128 6.23 -21.01 6.93
CA ILE A 128 7.07 -22.01 7.59
C ILE A 128 8.32 -21.30 8.11
N PHE A 129 8.70 -21.64 9.35
CA PHE A 129 9.89 -21.08 9.98
C PHE A 129 10.98 -22.15 10.08
N TYR A 130 12.23 -21.70 10.01
CA TYR A 130 13.40 -22.57 10.04
C TYR A 130 14.36 -22.13 11.12
N LYS A 131 15.02 -23.08 11.77
CA LYS A 131 16.09 -22.77 12.72
C LYS A 131 17.36 -23.48 12.25
N ASN A 132 18.36 -22.69 11.88
CA ASN A 132 19.64 -23.22 11.40
C ASN A 132 19.41 -24.30 10.33
N GLY A 133 18.45 -24.04 9.43
CA GLY A 133 18.17 -24.94 8.33
C GLY A 133 17.14 -26.04 8.57
N VAL A 134 16.66 -26.23 9.80
CA VAL A 134 15.71 -27.31 10.10
C VAL A 134 14.28 -26.74 10.08
N ASN A 135 13.44 -27.30 9.20
CA ASN A 135 12.02 -26.99 9.18
C ASN A 135 11.42 -27.20 10.56
N GLN A 136 10.81 -26.15 11.11
CA GLN A 136 10.17 -26.22 12.42
C GLN A 136 8.67 -26.52 12.33
N GLY A 137 8.14 -26.75 11.13
CA GLY A 137 6.74 -27.04 10.97
C GLY A 137 6.00 -25.86 10.35
N VAL A 138 4.88 -26.18 9.71
CA VAL A 138 3.99 -25.15 9.21
C VAL A 138 3.42 -24.37 10.39
N ALA A 139 3.64 -23.06 10.39
CA ALA A 139 3.10 -22.22 11.45
C ALA A 139 1.69 -21.73 11.13
N TYR A 140 1.48 -21.24 9.93
CA TYR A 140 0.17 -20.79 9.49
C TYR A 140 -0.13 -21.19 8.05
N LYS A 141 -1.38 -21.56 7.79
CA LYS A 141 -1.87 -21.85 6.46
C LYS A 141 -3.17 -21.15 6.18
N ASP A 142 -3.48 -21.00 4.92
CA ASP A 142 -4.55 -20.15 4.47
C ASP A 142 -4.58 -18.78 5.13
N ILE A 143 -3.51 -18.05 4.91
CA ILE A 143 -3.33 -16.72 5.51
C ILE A 143 -4.09 -15.70 4.68
N PHE A 144 -4.25 -14.48 5.22
CA PHE A 144 -4.94 -13.42 4.47
C PHE A 144 -4.21 -13.11 3.16
N GLU A 145 -4.99 -12.83 2.12
CA GLU A 145 -4.40 -12.40 0.86
C GLU A 145 -3.89 -10.97 0.97
N GLY A 146 -2.83 -10.68 0.24
CA GLY A 146 -2.22 -9.37 0.28
C GLY A 146 -0.74 -9.48 -0.03
N VAL A 147 -0.04 -8.35 0.16
CA VAL A 147 1.39 -8.23 -0.05
C VAL A 147 2.08 -8.41 1.29
N TYR A 148 3.04 -9.32 1.34
CA TYR A 148 3.76 -9.64 2.57
C TYR A 148 5.22 -9.22 2.48
N PHE A 149 5.65 -8.40 3.44
CA PHE A 149 7.01 -7.92 3.57
C PHE A 149 7.77 -8.70 4.64
N PRO A 150 9.04 -9.04 4.44
CA PRO A 150 9.87 -9.47 5.57
C PRO A 150 9.82 -8.41 6.66
N ALA A 151 9.73 -8.84 7.91
CA ALA A 151 9.45 -7.91 9.00
C ALA A 151 10.21 -8.35 10.25
N ILE A 152 10.66 -7.38 11.01
CA ILE A 152 11.41 -7.60 12.24
C ILE A 152 10.79 -6.74 13.32
N SER A 153 10.58 -7.31 14.47
CA SER A 153 10.11 -6.57 15.66
C SER A 153 11.01 -6.93 16.84
N LEU A 154 11.49 -5.96 17.59
CA LEU A 154 12.45 -6.26 18.66
C LEU A 154 11.99 -5.64 19.98
N TYR A 155 12.22 -6.37 21.06
CA TYR A 155 11.92 -5.91 22.43
C TYR A 155 13.26 -5.66 23.10
N LYS A 156 13.47 -4.42 23.47
CA LYS A 156 14.75 -3.86 23.86
C LYS A 156 15.97 -4.16 22.99
N SER A 157 17.13 -4.08 23.58
CA SER A 157 18.36 -3.83 22.87
C SER A 157 19.08 -5.06 22.33
N CYS A 158 18.35 -5.94 21.68
CA CYS A 158 18.98 -6.97 20.91
C CYS A 158 19.25 -6.58 19.48
N THR A 159 19.99 -7.38 18.78
CA THR A 159 20.53 -7.04 17.49
C THR A 159 20.38 -8.16 16.50
N VAL A 160 19.78 -7.88 15.37
CA VAL A 160 19.62 -8.92 14.36
C VAL A 160 20.06 -8.36 13.01
N SER A 161 20.49 -9.26 12.14
CA SER A 161 20.88 -8.93 10.77
C SER A 161 20.06 -9.77 9.82
N ILE A 162 19.59 -9.16 8.74
CA ILE A 162 18.72 -9.82 7.78
C ILE A 162 19.47 -10.07 6.48
N ASN A 163 19.27 -11.27 5.92
CA ASN A 163 19.88 -11.67 4.66
C ASN A 163 18.75 -12.03 3.68
N PHE A 164 18.58 -11.22 2.63
CA PHE A 164 17.56 -11.46 1.62
C PHE A 164 17.99 -12.41 0.53
N GLY A 165 19.27 -12.81 0.53
CA GLY A 165 19.81 -13.66 -0.49
C GLY A 165 20.76 -12.87 -1.37
N PRO A 166 21.15 -13.45 -2.51
CA PRO A 166 20.68 -14.72 -3.06
C PRO A 166 21.20 -15.97 -2.37
N CYS A 167 22.32 -15.83 -1.65
CA CYS A 167 22.97 -16.97 -1.01
C CYS A 167 22.60 -16.99 0.47
N PHE A 168 22.14 -18.14 0.95
CA PHE A 168 21.73 -18.28 2.34
C PHE A 168 22.71 -19.15 3.11
N LYS A 169 22.72 -18.96 4.43
CA LYS A 169 23.64 -19.71 5.27
C LYS A 169 23.19 -21.16 5.41
N TYR A 170 21.89 -21.39 5.63
CA TYR A 170 21.33 -22.73 5.76
C TYR A 170 20.16 -22.91 4.81
N PRO A 171 20.42 -22.97 3.51
CA PRO A 171 19.33 -23.18 2.54
C PRO A 171 18.61 -24.48 2.81
N PRO A 172 17.29 -24.44 3.00
CA PRO A 172 16.56 -25.66 3.38
C PRO A 172 16.66 -26.74 2.32
N LYS A 173 16.65 -27.99 2.79
CA LYS A 173 16.59 -29.15 1.91
C LYS A 173 15.16 -29.37 1.40
N ASP A 174 15.05 -29.76 0.13
CA ASP A 174 13.78 -30.14 -0.47
C ASP A 174 12.72 -29.06 -0.28
N LEU A 175 13.06 -27.85 -0.76
CA LEU A 175 12.15 -26.72 -0.65
C LEU A 175 12.47 -25.77 -1.78
N THR A 176 11.48 -25.47 -2.59
CA THR A 176 11.70 -24.60 -3.75
C THR A 176 11.17 -23.22 -3.40
N TYR A 177 11.91 -22.20 -3.81
CA TYR A 177 11.57 -20.83 -3.50
C TYR A 177 12.44 -19.94 -4.35
N ARG A 178 12.15 -18.67 -4.33
CA ARG A 178 13.09 -17.67 -4.79
C ARG A 178 13.60 -16.87 -3.60
N PRO A 179 14.86 -16.45 -3.61
CA PRO A 179 15.31 -15.53 -2.55
C PRO A 179 14.64 -14.18 -2.69
N MET A 180 14.36 -13.55 -1.54
CA MET A 180 13.75 -12.23 -1.56
C MET A 180 14.55 -11.23 -2.40
N SER A 181 15.87 -11.43 -2.52
CA SER A 181 16.67 -10.49 -3.29
C SER A 181 16.29 -10.48 -4.77
N ASP A 182 15.60 -11.52 -5.26
CA ASP A 182 15.12 -11.51 -6.63
C ASP A 182 14.13 -10.38 -6.88
N MET A 183 13.54 -9.79 -5.83
CA MET A 183 12.65 -8.65 -6.00
C MET A 183 13.39 -7.33 -6.24
N GLY A 184 14.69 -7.28 -5.98
CA GLY A 184 15.45 -6.05 -6.08
C GLY A 184 15.52 -5.41 -7.46
N SER B 1 11.58 30.42 -15.94
CA SER B 1 11.18 29.10 -16.37
C SER B 1 10.35 28.40 -15.33
N ASP B 2 9.58 27.44 -15.78
CA ASP B 2 8.76 26.67 -14.87
C ASP B 2 9.50 25.49 -14.23
N LEU B 3 9.19 25.22 -12.98
CA LEU B 3 9.55 24.01 -12.30
C LEU B 3 9.31 22.72 -13.05
N PRO B 4 10.31 21.91 -13.09
CA PRO B 4 10.20 20.54 -13.60
C PRO B 4 9.10 19.74 -12.93
N MET B 5 8.35 19.03 -13.74
CA MET B 5 7.12 18.43 -13.32
C MET B 5 7.23 17.54 -12.09
N PRO B 6 8.30 16.77 -11.96
CA PRO B 6 8.50 15.96 -10.77
C PRO B 6 8.66 16.73 -9.49
N MET B 7 9.16 17.95 -9.52
CA MET B 7 9.26 18.80 -8.37
C MET B 7 7.91 19.36 -8.00
N ARG B 8 7.15 19.80 -8.96
CA ARG B 8 5.77 20.17 -8.66
C ARG B 8 5.01 18.99 -8.07
N PHE B 9 5.34 17.76 -8.51
CA PHE B 9 4.60 16.59 -8.06
C PHE B 9 4.89 16.23 -6.59
N ARG B 10 6.15 16.23 -6.15
CA ARG B 10 6.40 15.99 -4.71
C ARG B 10 5.75 17.06 -3.86
N HIS B 11 5.90 18.34 -4.24
CA HIS B 11 5.30 19.39 -3.43
C HIS B 11 3.83 19.11 -3.22
N LEU B 12 3.12 18.78 -4.32
CA LEU B 12 1.71 18.40 -4.22
C LEU B 12 1.52 17.25 -3.23
N LYS B 13 2.27 16.18 -3.46
CA LYS B 13 2.15 14.98 -2.61
C LYS B 13 2.45 15.37 -1.17
N LYS B 14 3.40 16.25 -0.96
CA LYS B 14 3.76 16.71 0.41
C LYS B 14 2.70 17.62 1.02
N THR B 15 2.04 18.47 0.24
CA THR B 15 1.15 19.49 0.82
C THR B 15 -0.36 19.28 0.59
N SER B 16 -0.79 18.39 -0.28
CA SER B 16 -2.24 18.24 -0.56
C SER B 16 -3.03 17.85 0.69
N LYS B 17 -2.46 17.04 1.58
CA LYS B 17 -3.15 16.55 2.80
C LYS B 17 -3.63 17.70 3.66
N GLU B 18 -2.88 18.78 3.79
CA GLU B 18 -3.31 19.92 4.62
C GLU B 18 -4.09 20.98 3.82
N ALA B 19 -4.12 20.91 2.50
CA ALA B 19 -4.82 21.97 1.76
C ALA B 19 -6.25 21.59 1.37
N VAL B 20 -6.60 20.31 1.39
CA VAL B 20 -7.96 19.87 0.98
C VAL B 20 -8.54 18.93 2.03
N GLY B 21 -9.85 18.75 1.98
CA GLY B 21 -10.52 17.84 2.89
C GLY B 21 -11.88 17.48 2.34
N VAL B 22 -12.43 16.39 2.87
CA VAL B 22 -13.73 15.89 2.44
C VAL B 22 -14.77 16.23 3.50
N TYR B 23 -15.89 16.80 3.05
CA TYR B 23 -16.99 17.20 3.89
C TYR B 23 -18.27 16.92 3.14
N ARG B 24 -19.41 17.17 3.77
CA ARG B 24 -20.67 17.06 3.08
C ARG B 24 -20.82 18.20 2.09
N SER B 25 -21.41 17.91 0.94
CA SER B 25 -21.48 18.87 -0.13
C SER B 25 -22.92 19.32 -0.36
N PRO B 26 -23.15 20.61 -0.65
CA PRO B 26 -24.47 21.02 -1.10
C PRO B 26 -24.81 20.52 -2.49
N ILE B 27 -23.84 20.00 -3.23
CA ILE B 27 -24.06 19.54 -4.61
C ILE B 27 -24.58 18.11 -4.54
N HIS B 28 -23.80 17.23 -3.91
CA HIS B 28 -24.21 15.85 -3.76
C HIS B 28 -23.36 15.14 -2.72
N GLY B 29 -24.01 14.60 -1.69
CA GLY B 29 -23.36 13.75 -0.70
C GLY B 29 -22.12 14.35 -0.09
N ARG B 30 -20.97 13.75 -0.37
CA ARG B 30 -19.67 14.20 0.12
C ARG B 30 -18.84 14.75 -1.03
N GLY B 31 -18.09 15.82 -0.76
CA GLY B 31 -17.25 16.45 -1.76
C GLY B 31 -15.91 16.83 -1.17
N LEU B 32 -15.03 17.32 -2.06
CA LEU B 32 -13.69 17.74 -1.69
C LEU B 32 -13.68 19.26 -1.55
N PHE B 33 -13.11 19.74 -0.45
CA PHE B 33 -13.21 21.15 -0.12
C PHE B 33 -11.83 21.74 0.11
N CYS B 34 -11.78 23.06 -0.04
CA CYS B 34 -10.53 23.82 0.01
C CYS B 34 -10.32 24.33 1.43
N LYS B 35 -9.13 24.07 1.99
CA LYS B 35 -8.80 24.51 3.33
C LYS B 35 -7.78 25.65 3.37
N ARG B 36 -7.14 25.96 2.24
CA ARG B 36 -6.24 27.10 2.13
C ARG B 36 -6.37 27.62 0.71
N ASN B 37 -6.27 28.94 0.54
CA ASN B 37 -6.29 29.52 -0.79
C ASN B 37 -5.30 28.81 -1.71
N ILE B 38 -5.72 28.56 -2.95
CA ILE B 38 -4.91 27.86 -3.94
C ILE B 38 -4.82 28.74 -5.19
N ASP B 39 -3.60 29.00 -5.63
CA ASP B 39 -3.39 29.87 -6.78
C ASP B 39 -3.76 29.18 -8.08
N ALA B 40 -4.12 30.00 -9.07
CA ALA B 40 -4.43 29.51 -10.41
C ALA B 40 -3.27 28.72 -10.99
N GLY B 41 -3.59 27.60 -11.66
CA GLY B 41 -2.60 26.77 -12.30
C GLY B 41 -1.80 25.89 -11.37
N GLU B 42 -2.08 25.89 -10.08
CA GLU B 42 -1.38 25.04 -9.13
C GLU B 42 -2.01 23.64 -9.09
N MET B 43 -1.19 22.64 -8.78
CA MET B 43 -1.70 21.30 -8.55
C MET B 43 -2.52 21.26 -7.26
N VAL B 44 -3.72 20.70 -7.33
CA VAL B 44 -4.62 20.57 -6.17
C VAL B 44 -4.50 19.20 -5.51
N ILE B 45 -4.66 18.13 -6.29
CA ILE B 45 -4.63 16.77 -5.76
C ILE B 45 -4.46 15.80 -6.92
N GLU B 46 -3.86 14.65 -6.64
CA GLU B 46 -3.81 13.58 -7.62
C GLU B 46 -5.04 12.69 -7.48
N TYR B 47 -5.53 12.19 -8.61
CA TYR B 47 -6.57 11.16 -8.57
C TYR B 47 -5.86 9.83 -8.44
N ALA B 48 -5.61 9.40 -7.21
CA ALA B 48 -4.78 8.24 -6.95
C ALA B 48 -5.61 6.95 -6.89
N GLY B 49 -4.96 5.84 -7.21
CA GLY B 49 -5.63 4.55 -7.21
C GLY B 49 -4.74 3.47 -7.81
N ILE B 50 -5.38 2.37 -8.21
CA ILE B 50 -4.69 1.27 -8.88
C ILE B 50 -4.75 1.53 -10.38
N VAL B 51 -3.59 1.63 -11.02
CA VAL B 51 -3.53 1.86 -12.46
C VAL B 51 -3.67 0.53 -13.19
N ILE B 52 -4.69 0.43 -14.03
CA ILE B 52 -4.97 -0.80 -14.76
C ILE B 52 -5.00 -0.49 -16.25
N ARG B 53 -4.67 -1.51 -17.03
CA ARG B 53 -4.89 -1.41 -18.47
C ARG B 53 -6.38 -1.26 -18.77
N SER B 54 -6.68 -0.49 -19.81
CA SER B 54 -8.06 -0.20 -20.18
C SER B 54 -8.87 -1.49 -20.37
N ILE B 55 -8.25 -2.52 -20.97
CA ILE B 55 -8.97 -3.77 -21.22
C ILE B 55 -9.50 -4.42 -19.94
N LEU B 56 -8.99 -4.05 -18.77
CA LEU B 56 -9.42 -4.72 -17.55
C LEU B 56 -10.62 -4.04 -16.90
N THR B 57 -11.05 -2.88 -17.40
CA THR B 57 -12.14 -2.19 -16.73
C THR B 57 -13.42 -3.02 -16.77
N ASP B 58 -13.72 -3.62 -17.93
CA ASP B 58 -14.94 -4.42 -18.06
C ASP B 58 -14.96 -5.53 -17.02
N LYS B 59 -13.86 -6.28 -16.91
CA LYS B 59 -13.82 -7.36 -15.93
C LYS B 59 -14.02 -6.85 -14.51
N ARG B 60 -13.53 -5.64 -14.22
CA ARG B 60 -13.62 -5.10 -12.86
C ARG B 60 -14.99 -4.52 -12.54
N GLU B 61 -15.68 -3.92 -13.51
CA GLU B 61 -17.06 -3.50 -13.28
C GLU B 61 -17.91 -4.68 -12.84
N LYS B 62 -17.92 -5.75 -13.65
CA LYS B 62 -18.77 -6.91 -13.38
C LYS B 62 -18.41 -7.56 -12.05
N TYR B 63 -17.14 -7.49 -11.67
CA TYR B 63 -16.72 -8.00 -10.37
C TYR B 63 -17.27 -7.13 -9.24
N TYR B 64 -17.19 -5.81 -9.38
CA TYR B 64 -17.66 -4.93 -8.31
C TYR B 64 -19.16 -5.09 -8.09
N ASP B 65 -19.93 -5.23 -9.18
CA ASP B 65 -21.37 -5.46 -9.02
C ASP B 65 -21.67 -6.85 -8.45
N SER B 66 -20.88 -7.86 -8.85
CA SER B 66 -21.14 -9.21 -8.35
C SER B 66 -20.99 -9.28 -6.83
N LYS B 67 -20.06 -8.51 -6.27
CA LYS B 67 -19.92 -8.42 -4.83
C LYS B 67 -20.84 -7.38 -4.21
N GLY B 68 -21.72 -6.77 -5.02
CA GLY B 68 -22.62 -5.75 -4.53
C GLY B 68 -21.88 -4.65 -3.80
N ILE B 69 -20.98 -3.99 -4.54
CA ILE B 69 -20.07 -2.96 -3.95
C ILE B 69 -20.59 -1.57 -4.31
N GLY B 70 -21.62 -1.49 -5.12
CA GLY B 70 -22.05 -0.13 -5.46
C GLY B 70 -21.28 0.37 -6.65
N SER B 71 -21.25 1.67 -6.82
CA SER B 71 -20.61 2.33 -7.98
C SER B 71 -19.09 2.14 -8.00
N SER B 72 -18.55 2.12 -9.21
CA SER B 72 -17.10 2.09 -9.50
C SER B 72 -16.57 3.51 -9.36
N TYR B 73 -15.29 3.66 -9.08
CA TYR B 73 -14.69 5.02 -9.00
C TYR B 73 -13.49 4.98 -9.92
N MET B 74 -13.75 4.95 -11.22
CA MET B 74 -12.68 4.77 -12.22
C MET B 74 -12.54 6.02 -13.06
N PHE B 75 -11.33 6.53 -13.16
CA PHE B 75 -11.04 7.73 -13.98
C PHE B 75 -10.08 7.27 -15.07
N ARG B 76 -10.41 7.53 -16.32
CA ARG B 76 -9.63 7.07 -17.44
C ARG B 76 -8.46 8.03 -17.71
N ILE B 77 -7.26 7.48 -17.86
CA ILE B 77 -6.10 8.31 -18.18
C ILE B 77 -6.08 8.63 -19.68
N ASP B 78 -6.08 7.60 -20.50
CA ASP B 78 -6.13 7.74 -21.96
C ASP B 78 -6.87 6.51 -22.49
N ASP B 79 -6.71 6.23 -23.78
CA ASP B 79 -7.33 5.04 -24.34
C ASP B 79 -6.71 3.74 -23.81
N SER B 80 -5.56 3.78 -23.14
CA SER B 80 -4.86 2.56 -22.79
C SER B 80 -4.86 2.22 -21.30
N GLU B 81 -5.04 3.21 -20.40
CA GLU B 81 -4.97 2.96 -18.98
C GLU B 81 -6.06 3.72 -18.24
N VAL B 82 -6.41 3.21 -17.05
CA VAL B 82 -7.48 3.75 -16.23
C VAL B 82 -7.02 3.71 -14.78
N VAL B 83 -7.37 4.74 -14.01
CA VAL B 83 -7.13 4.72 -12.57
C VAL B 83 -8.37 4.21 -11.87
N ASP B 84 -8.25 3.06 -11.21
CA ASP B 84 -9.35 2.44 -10.46
C ASP B 84 -9.16 2.76 -8.99
N ALA B 85 -10.01 3.65 -8.47
CA ALA B 85 -9.96 4.06 -7.07
C ALA B 85 -11.13 3.47 -6.26
N THR B 86 -11.74 2.38 -6.75
CA THR B 86 -12.91 1.82 -6.06
C THR B 86 -12.54 1.27 -4.69
N MET B 87 -11.48 0.47 -4.61
CA MET B 87 -11.06 -0.12 -3.35
C MET B 87 -9.80 0.50 -2.76
N HIS B 88 -9.01 1.22 -3.56
CA HIS B 88 -7.75 1.80 -3.12
C HIS B 88 -7.66 3.17 -3.78
N GLY B 89 -7.57 4.23 -2.99
CA GLY B 89 -7.63 5.56 -3.56
C GLY B 89 -7.38 6.63 -2.52
N ASN B 90 -7.68 7.87 -2.87
CA ASN B 90 -7.49 8.99 -1.95
C ASN B 90 -8.72 9.91 -2.00
N ALA B 91 -8.61 11.08 -1.38
CA ALA B 91 -9.75 11.97 -1.24
C ALA B 91 -10.26 12.52 -2.56
N ALA B 92 -9.50 12.38 -3.65
CA ALA B 92 -9.95 12.83 -4.96
C ALA B 92 -11.14 12.02 -5.48
N ARG B 93 -11.43 10.85 -4.89
CA ARG B 93 -12.64 10.10 -5.26
C ARG B 93 -13.91 10.93 -5.15
N PHE B 94 -13.91 11.94 -4.26
CA PHE B 94 -15.12 12.63 -3.87
C PHE B 94 -15.33 13.97 -4.59
N ILE B 95 -14.55 14.27 -5.62
CA ILE B 95 -14.71 15.54 -6.31
C ILE B 95 -15.97 15.52 -7.15
N ASN B 96 -16.89 16.46 -6.87
CA ASN B 96 -18.16 16.49 -7.57
C ASN B 96 -18.01 17.18 -8.93
N HIS B 97 -19.05 17.10 -9.74
CA HIS B 97 -19.09 17.76 -11.03
C HIS B 97 -19.72 19.14 -10.91
N SER B 98 -19.24 20.09 -11.71
CA SER B 98 -19.87 21.39 -11.81
C SER B 98 -19.89 21.83 -13.27
N CYS B 99 -21.00 22.43 -13.68
CA CYS B 99 -21.08 23.00 -15.02
C CYS B 99 -20.25 24.27 -15.14
N GLU B 100 -19.89 24.90 -14.02
CA GLU B 100 -18.93 26.00 -14.02
C GLU B 100 -17.89 25.67 -12.94
N PRO B 101 -16.97 24.76 -13.24
CA PRO B 101 -16.04 24.26 -12.22
C PRO B 101 -14.91 25.25 -11.96
N ASN B 102 -14.18 24.99 -10.87
CA ASN B 102 -12.97 25.74 -10.58
C ASN B 102 -11.69 24.94 -10.78
N CYS B 103 -11.78 23.66 -11.18
CA CYS B 103 -10.62 22.81 -11.41
C CYS B 103 -10.72 22.14 -12.78
N TYR B 104 -9.57 21.65 -13.26
CA TYR B 104 -9.54 20.79 -14.43
C TYR B 104 -8.53 19.68 -14.19
N SER B 105 -8.62 18.64 -15.03
CA SER B 105 -7.75 17.49 -14.94
C SER B 105 -6.72 17.54 -16.05
N ARG B 106 -5.56 16.95 -15.78
CA ARG B 106 -4.51 16.88 -16.78
C ARG B 106 -3.63 15.67 -16.48
N VAL B 107 -3.22 14.98 -17.53
CA VAL B 107 -2.37 13.80 -17.37
C VAL B 107 -0.91 14.23 -17.46
N ILE B 108 -0.11 13.77 -16.51
CA ILE B 108 1.32 14.09 -16.49
C ILE B 108 2.09 12.78 -16.40
N ASN B 109 3.28 12.78 -16.99
CA ASN B 109 4.14 11.60 -17.02
C ASN B 109 5.31 11.87 -16.09
N ILE B 110 5.47 11.00 -15.10
CA ILE B 110 6.56 11.10 -14.13
C ILE B 110 7.28 9.77 -14.13
N ASP B 111 8.50 9.75 -14.68
CA ASP B 111 9.36 8.57 -14.64
C ASP B 111 8.75 7.41 -15.41
N GLY B 112 8.13 7.72 -16.55
CA GLY B 112 7.50 6.73 -17.38
C GLY B 112 6.15 6.25 -16.91
N GLN B 113 5.60 6.82 -15.84
CA GLN B 113 4.29 6.46 -15.32
C GLN B 113 3.35 7.67 -15.45
N LYS B 114 2.09 7.38 -15.71
CA LYS B 114 1.10 8.43 -15.91
C LYS B 114 0.29 8.67 -14.64
N HIS B 115 -0.10 9.93 -14.45
CA HIS B 115 -0.78 10.41 -13.25
C HIS B 115 -1.85 11.40 -13.66
N ILE B 116 -3.02 11.30 -13.03
CA ILE B 116 -4.08 12.27 -13.21
C ILE B 116 -3.97 13.29 -12.10
N VAL B 117 -3.77 14.54 -12.46
CA VAL B 117 -3.60 15.62 -11.50
C VAL B 117 -4.68 16.65 -11.76
N ILE B 118 -5.35 17.07 -10.71
CA ILE B 118 -6.36 18.13 -10.77
C ILE B 118 -5.65 19.46 -10.51
N PHE B 119 -5.88 20.45 -11.40
CA PHE B 119 -5.25 21.77 -11.32
C PHE B 119 -6.28 22.86 -11.07
N ALA B 120 -5.88 23.88 -10.31
CA ALA B 120 -6.76 25.02 -10.09
C ALA B 120 -6.89 25.84 -11.36
N MET B 121 -8.13 26.02 -11.82
CA MET B 121 -8.38 26.78 -13.03
C MET B 121 -8.30 28.29 -12.77
N ARG B 122 -8.46 28.68 -11.51
CA ARG B 122 -8.43 30.06 -11.07
C ARG B 122 -8.01 30.05 -9.61
N LYS B 123 -7.79 31.24 -9.05
CA LYS B 123 -7.57 31.33 -7.61
C LYS B 123 -8.78 30.79 -6.88
N ILE B 124 -8.55 29.86 -5.96
CA ILE B 124 -9.60 29.20 -5.19
C ILE B 124 -9.40 29.57 -3.73
N TYR B 125 -10.50 29.88 -3.04
CA TYR B 125 -10.45 30.40 -1.69
C TYR B 125 -10.93 29.35 -0.70
N ARG B 126 -10.46 29.43 0.54
CA ARG B 126 -10.73 28.34 1.49
C ARG B 126 -12.24 28.26 1.68
N GLY B 127 -12.75 27.05 1.87
CA GLY B 127 -14.18 26.82 1.98
C GLY B 127 -14.91 26.56 0.68
N GLU B 128 -14.31 26.88 -0.45
CA GLU B 128 -14.89 26.49 -1.73
C GLU B 128 -14.86 24.97 -1.90
N GLU B 129 -15.93 24.42 -2.46
CA GLU B 129 -15.91 23.06 -2.96
C GLU B 129 -15.08 23.01 -4.25
N LEU B 130 -14.24 21.98 -4.37
CA LEU B 130 -13.43 21.75 -5.55
C LEU B 130 -14.21 20.88 -6.53
N THR B 131 -14.35 21.34 -7.76
CA THR B 131 -15.13 20.64 -8.77
C THR B 131 -14.44 20.72 -10.12
N TYR B 132 -14.73 19.75 -10.98
CA TYR B 132 -14.31 19.81 -12.38
C TYR B 132 -15.46 19.32 -13.24
N ASP B 133 -15.32 19.53 -14.54
CA ASP B 133 -16.32 19.06 -15.50
C ASP B 133 -16.08 17.58 -15.79
N TYR B 134 -17.03 16.73 -15.41
CA TYR B 134 -16.92 15.30 -15.72
C TYR B 134 -16.88 15.05 -17.22
N LYS B 135 -17.60 15.87 -18.00
CA LYS B 135 -17.68 15.71 -19.45
C LYS B 135 -18.18 14.32 -19.84
N PHE B 136 -19.27 13.90 -19.20
CA PHE B 136 -19.89 12.63 -19.51
C PHE B 136 -20.35 12.60 -20.96
N PRO B 137 -20.39 11.41 -21.59
CA PRO B 137 -20.94 11.33 -22.95
C PRO B 137 -22.41 11.72 -22.95
N ILE B 138 -22.84 12.33 -24.05
CA ILE B 138 -24.22 12.79 -24.16
C ILE B 138 -25.12 11.56 -24.28
N GLU B 139 -25.81 11.23 -23.19
CA GLU B 139 -26.59 10.01 -23.09
C GLU B 139 -28.03 10.27 -23.51
N ASP B 140 -28.71 9.19 -23.89
CA ASP B 140 -30.08 9.29 -24.35
C ASP B 140 -31.01 9.63 -23.18
N ALA B 141 -32.28 9.88 -23.49
CA ALA B 141 -33.22 10.37 -22.50
C ALA B 141 -33.57 9.33 -21.44
N SER B 142 -33.33 8.05 -21.70
CA SER B 142 -33.73 7.01 -20.75
C SER B 142 -32.96 7.11 -19.43
N ASN B 143 -31.64 7.32 -19.51
CA ASN B 143 -30.77 7.39 -18.33
C ASN B 143 -29.98 8.70 -18.40
N LYS B 144 -30.60 9.78 -17.94
CA LYS B 144 -29.96 11.09 -17.87
C LYS B 144 -29.94 11.52 -16.40
N LEU B 145 -28.76 11.47 -15.79
CA LEU B 145 -28.65 11.84 -14.39
C LEU B 145 -28.74 13.36 -14.24
N PRO B 146 -29.68 13.87 -13.45
CA PRO B 146 -29.77 15.32 -13.27
C PRO B 146 -28.57 15.86 -12.52
N CYS B 147 -28.26 17.12 -12.79
CA CYS B 147 -27.15 17.82 -12.15
C CYS B 147 -27.66 18.71 -11.02
N ASN B 148 -26.90 18.74 -9.91
CA ASN B 148 -27.23 19.54 -8.74
C ASN B 148 -26.11 20.53 -8.41
N CYS B 149 -25.33 20.92 -9.42
CA CYS B 149 -24.15 21.76 -9.17
C CYS B 149 -24.52 23.17 -8.71
N GLY B 150 -25.73 23.62 -9.01
CA GLY B 150 -26.23 24.87 -8.47
C GLY B 150 -25.72 26.12 -9.14
N ALA B 151 -25.03 26.00 -10.27
CA ALA B 151 -24.61 27.16 -11.04
C ALA B 151 -25.76 27.66 -11.92
N LYS B 152 -25.64 28.90 -12.39
CA LYS B 152 -26.69 29.44 -13.24
C LYS B 152 -26.51 29.11 -14.71
N LYS B 153 -25.31 28.73 -15.14
CA LYS B 153 -25.11 28.14 -16.46
C LYS B 153 -25.18 26.61 -16.41
N CYS B 154 -25.92 26.06 -15.45
CA CYS B 154 -26.02 24.61 -15.31
C CYS B 154 -26.70 24.01 -16.54
N ARG B 155 -26.22 22.83 -16.92
CA ARG B 155 -26.74 22.14 -18.12
C ARG B 155 -27.89 21.20 -17.75
N LYS B 156 -28.32 21.17 -16.50
CA LYS B 156 -29.44 20.35 -15.97
C LYS B 156 -29.10 18.87 -15.74
N PHE B 157 -28.28 18.26 -16.59
CA PHE B 157 -27.88 16.83 -16.49
C PHE B 157 -26.38 16.71 -16.69
N LEU B 158 -25.81 15.69 -16.06
CA LEU B 158 -24.37 15.31 -16.16
C LEU B 158 -24.06 14.87 -17.59
N ASN B 159 -25.00 14.22 -18.26
CA ASN B 159 -24.81 13.65 -19.62
C ASN B 159 -25.78 14.32 -20.60
N PHE C 7 -12.67 1.71 1.66
CA PHE C 7 -11.59 1.55 0.67
C PHE C 7 -10.29 1.91 1.37
N LYS C 8 -9.22 1.13 1.20
CA LYS C 8 -7.94 1.49 1.83
C LYS C 8 -7.42 2.82 1.22
N GLU C 9 -7.00 3.73 2.07
CA GLU C 9 -6.46 5.00 1.57
C GLU C 9 -5.13 4.72 0.89
N LEU C 10 -4.82 5.47 -0.15
CA LEU C 10 -3.55 5.27 -0.85
C LEU C 10 -2.88 6.62 -0.94
N ASP C 11 -1.58 6.69 -0.87
CA ASP C 11 -0.97 8.03 -1.04
C ASP C 11 -0.44 8.15 -2.47
N GLU C 12 0.16 7.10 -2.98
CA GLU C 12 0.73 7.14 -4.34
C GLU C 12 0.04 6.08 -5.18
N ASN C 13 0.02 6.28 -6.50
CA ASN C 13 -0.53 5.30 -7.45
C ASN C 13 0.23 3.99 -7.37
N VAL C 14 -0.49 2.91 -7.60
CA VAL C 14 0.08 1.57 -7.64
C VAL C 14 -0.30 0.94 -8.97
N GLU C 15 0.69 0.44 -9.70
CA GLU C 15 0.41 -0.28 -10.94
C GLU C 15 -0.06 -1.69 -10.61
N TYR C 16 -1.23 -2.06 -11.13
CA TYR C 16 -1.72 -3.41 -10.98
C TYR C 16 -0.73 -4.40 -11.59
N GLU C 17 -0.43 -5.48 -10.89
CA GLU C 17 0.39 -6.51 -11.50
C GLU C 17 -0.53 -7.66 -11.89
N GLU C 18 -0.80 -7.76 -13.18
CA GLU C 18 -1.68 -8.80 -13.68
C GLU C 18 -1.06 -10.17 -13.44
N ARG C 19 -1.93 -11.15 -13.20
CA ARG C 19 -1.52 -12.54 -13.17
C ARG C 19 -1.39 -13.07 -14.61
N GLU C 20 -0.61 -14.15 -14.73
CA GLU C 20 -0.54 -14.87 -16.01
C GLU C 20 -1.93 -15.29 -16.47
N SER C 21 -2.82 -15.60 -15.53
CA SER C 21 -4.14 -16.09 -15.88
C SER C 21 -5.20 -15.00 -15.75
N GLU C 22 -4.78 -13.73 -15.84
CA GLU C 22 -5.68 -12.61 -15.61
C GLU C 22 -6.92 -12.67 -16.52
N PHE C 23 -6.79 -13.24 -17.73
CA PHE C 23 -7.87 -13.21 -18.70
C PHE C 23 -8.58 -14.56 -18.87
N ASP C 24 -8.23 -15.56 -18.06
CA ASP C 24 -8.72 -16.91 -18.28
C ASP C 24 -9.99 -17.16 -17.47
N ILE C 25 -10.73 -18.21 -17.85
CA ILE C 25 -11.97 -18.52 -17.18
C ILE C 25 -11.71 -19.27 -15.87
#